data_5D1T
#
_entry.id   5D1T
#
_cell.length_a   57.858
_cell.length_b   76.544
_cell.length_c   138.386
_cell.angle_alpha   90.000
_cell.angle_beta   90.000
_cell.angle_gamma   90.000
#
_symmetry.space_group_name_H-M   'P 21 21 21'
#
loop_
_entity.id
_entity.type
_entity.pdbx_description
1 polymer 'Lethal factor'
2 non-polymer 'ZINC ION'
3 non-polymer N~2~-[3-(aminomethyl)benzyl]-N~2~-[(4-fluoro-3-methylphenyl)sulfonyl]-N-hydroxy-D-alaninamide
4 water water
#
_entity_poly.entity_id   1
_entity_poly.type   'polypeptide(L)'
_entity_poly.pdbx_seq_one_letter_code
;SNALSRYEKWEKIKQHYQHWSDSLSEEGRGLLKKLQIPIEPKKDDIIHSLSQEEKELLKRIQIDSSDFLSTEEKEFLKKL
QIDIRDSLSEEEKELLNRIQVDSSNPLSEKEKEFLKKLKLDIQPYDINQRLQDTGGLIDSPSINLDVRKQYKRDIQNIDA
LLHQSIGSTLYNKIYLYENMNINNLTATLGADLVDSTDNTKINRGIFNEFKKNFKYSISSNYMIVDINERPALDNERLKW
RIQLSPDTRAGYLENGKLILQRNIGLEIKDVQIIKQSEKEYIRIDAKVVPKSKIDTKIQEAQLNINQEWNKALGLPKYTK
LITFNVHNRYASNIVESAYLILNEWKNNIQSDLIKKVTNYLVDGNGRFVFTDITLPNIAEQYTHQDEIYEQVHSKGLYVP
ESRSILLHGPSKGVELRNDSEGFIHEFGHAVDDYAGYLLDKNQSDLVTNSKKFIDIFKEEGSNLTSYGRTNEAEFFAEAF
RLMHSTDHAERLKVQKNAPKTFQFINDQIKFIINSLVPR
;
_entity_poly.pdbx_strand_id   A
#
loop_
_chem_comp.id
_chem_comp.type
_chem_comp.name
_chem_comp.formula
56R non-polymer N~2~-[3-(aminomethyl)benzyl]-N~2~-[(4-fluoro-3-methylphenyl)sulfonyl]-N-hydroxy-D-alaninamide 'C18 H22 F N3 O4 S'
ZN non-polymer 'ZINC ION' 'Zn 2'
#
# COMPACT_ATOMS: atom_id res chain seq x y z
N ARG A 6 19.48 -25.43 20.85
CA ARG A 6 18.18 -24.80 20.61
C ARG A 6 17.85 -23.78 21.69
N TYR A 7 18.03 -24.19 22.95
CA TYR A 7 17.65 -23.37 24.09
C TYR A 7 18.83 -22.62 24.69
N GLU A 8 20.04 -22.93 24.23
CA GLU A 8 21.24 -22.26 24.73
C GLU A 8 21.31 -20.84 24.19
N LYS A 9 20.96 -20.66 22.92
CA LYS A 9 20.93 -19.35 22.30
C LYS A 9 19.95 -18.46 23.06
N TRP A 10 18.79 -19.05 23.35
CA TRP A 10 17.71 -18.40 24.03
C TRP A 10 18.14 -17.96 25.43
N GLU A 11 18.78 -18.85 26.18
CA GLU A 11 19.29 -18.53 27.52
C GLU A 11 20.30 -17.38 27.51
N LYS A 12 21.21 -17.40 26.53
CA LYS A 12 22.20 -16.34 26.45
C LYS A 12 21.56 -14.98 26.11
N ILE A 13 20.56 -14.98 25.23
CA ILE A 13 19.89 -13.74 24.85
C ILE A 13 19.15 -13.15 26.04
N LYS A 14 18.39 -14.01 26.71
CA LYS A 14 17.62 -13.62 27.89
C LYS A 14 18.53 -13.06 28.98
N GLN A 15 19.65 -13.74 29.22
CA GLN A 15 20.70 -13.26 30.12
C GLN A 15 21.19 -11.86 29.78
N HIS A 16 21.54 -11.64 28.51
CA HIS A 16 22.01 -10.35 28.02
C HIS A 16 21.03 -9.21 28.32
N TYR A 17 19.73 -9.52 28.35
CA TYR A 17 18.67 -8.53 28.59
C TYR A 17 18.01 -8.64 29.98
N GLN A 18 18.55 -9.51 30.81
CA GLN A 18 17.94 -9.77 32.12
C GLN A 18 17.77 -8.51 32.98
N HIS A 19 18.81 -7.68 33.05
CA HIS A 19 18.76 -6.46 33.85
C HIS A 19 17.75 -5.50 33.25
N TRP A 20 17.77 -5.41 31.93
CA TRP A 20 16.80 -4.59 31.20
C TRP A 20 15.38 -5.07 31.52
N SER A 21 15.16 -6.38 31.47
CA SER A 21 13.84 -6.94 31.77
C SER A 21 13.41 -6.67 33.21
N ASP A 22 14.30 -6.93 34.16
CA ASP A 22 13.98 -6.75 35.57
C ASP A 22 13.68 -5.28 35.86
N SER A 23 14.29 -4.38 35.09
CA SER A 23 14.13 -2.94 35.30
C SER A 23 12.83 -2.37 34.74
N LEU A 24 12.07 -3.17 34.00
CA LEU A 24 10.87 -2.65 33.34
C LEU A 24 9.78 -2.36 34.36
N SER A 25 9.22 -1.15 34.33
CA SER A 25 8.08 -0.82 35.17
C SER A 25 6.85 -1.56 34.65
N GLU A 26 5.77 -1.57 35.43
CA GLU A 26 4.54 -2.20 34.98
C GLU A 26 3.95 -1.44 33.80
N GLU A 27 4.25 -0.15 33.72
CA GLU A 27 3.77 0.67 32.62
C GLU A 27 4.54 0.28 31.35
N GLY A 28 5.83 0.01 31.51
CA GLY A 28 6.67 -0.39 30.39
C GLY A 28 6.24 -1.74 29.87
N ARG A 29 5.93 -2.65 30.78
CA ARG A 29 5.46 -3.99 30.45
C ARG A 29 4.11 -3.96 29.75
N GLY A 30 3.21 -3.09 30.22
CA GLY A 30 1.88 -3.00 29.65
C GLY A 30 1.97 -2.51 28.22
N LEU A 31 2.91 -1.61 27.98
CA LEU A 31 3.14 -1.03 26.67
C LEU A 31 3.67 -2.05 25.66
N LEU A 32 4.70 -2.80 26.04
CA LEU A 32 5.17 -3.92 25.22
C LEU A 32 4.06 -4.90 24.89
N LYS A 33 3.15 -5.11 25.83
CA LYS A 33 2.02 -6.02 25.63
C LYS A 33 1.01 -5.49 24.62
N LYS A 34 0.66 -4.23 24.76
CA LYS A 34 -0.24 -3.54 23.83
C LYS A 34 0.31 -3.58 22.41
N LEU A 35 1.64 -3.48 22.29
CA LEU A 35 2.28 -3.49 20.99
C LEU A 35 2.12 -4.84 20.32
N GLN A 36 2.29 -5.92 21.09
CA GLN A 36 2.16 -7.27 20.56
C GLN A 36 0.72 -7.67 20.31
N ILE A 37 -0.18 -7.14 21.12
CA ILE A 37 -1.59 -7.47 21.03
C ILE A 37 -2.40 -6.21 20.89
N PRO A 38 -2.73 -5.83 19.65
CA PRO A 38 -3.62 -4.68 19.47
C PRO A 38 -4.93 -4.79 20.28
N ILE A 39 -5.47 -3.62 20.64
CA ILE A 39 -6.72 -3.55 21.39
C ILE A 39 -7.86 -3.46 20.39
N GLU A 40 -8.64 -4.52 20.30
CA GLU A 40 -9.71 -4.60 19.32
C GLU A 40 -10.94 -3.82 19.77
N PRO A 41 -11.78 -3.39 18.82
CA PRO A 41 -13.02 -2.72 19.22
C PRO A 41 -14.01 -3.70 19.85
N LYS A 42 -14.67 -3.30 20.93
CA LYS A 42 -15.71 -4.13 21.52
C LYS A 42 -17.00 -3.96 20.71
N LYS A 43 -17.42 -5.00 20.01
CA LYS A 43 -18.62 -4.95 19.16
C LYS A 43 -19.83 -4.49 19.97
N ASP A 44 -19.81 -4.78 21.26
CA ASP A 44 -20.75 -4.22 22.21
C ASP A 44 -20.83 -2.70 22.05
N ASP A 45 -19.74 -2.02 22.42
CA ASP A 45 -19.68 -0.55 22.41
C ASP A 45 -20.15 0.08 21.10
N ILE A 46 -19.80 -0.52 19.97
CA ILE A 46 -20.07 0.10 18.68
C ILE A 46 -21.57 0.30 18.45
N ILE A 47 -22.39 -0.68 18.81
CA ILE A 47 -23.83 -0.57 18.58
C ILE A 47 -24.47 0.46 19.53
N HIS A 48 -23.95 0.54 20.75
CA HIS A 48 -24.52 1.43 21.76
C HIS A 48 -24.32 2.90 21.39
N SER A 49 -23.43 3.14 20.43
CA SER A 49 -23.15 4.51 20.01
C SER A 49 -24.02 4.90 18.82
N LEU A 50 -24.70 3.92 18.25
CA LEU A 50 -25.51 4.14 17.06
C LEU A 50 -26.96 4.52 17.40
N SER A 51 -27.55 5.36 16.55
CA SER A 51 -28.95 5.76 16.73
C SER A 51 -29.89 4.68 16.18
N GLN A 52 -31.18 4.85 16.41
CA GLN A 52 -32.19 3.90 15.94
C GLN A 52 -32.17 3.77 14.43
N GLU A 53 -32.31 4.90 13.73
CA GLU A 53 -32.32 4.88 12.27
C GLU A 53 -31.02 4.30 11.72
N GLU A 54 -29.92 4.58 12.41
CA GLU A 54 -28.60 4.11 11.98
C GLU A 54 -28.40 2.61 12.22
N LYS A 55 -29.01 2.09 13.29
CA LYS A 55 -28.98 0.64 13.52
C LYS A 55 -29.79 -0.06 12.43
N GLU A 56 -30.96 0.49 12.14
CA GLU A 56 -31.83 -0.06 11.10
C GLU A 56 -31.11 -0.12 9.77
N LEU A 57 -30.42 0.97 9.42
CA LEU A 57 -29.69 1.06 8.15
C LEU A 57 -28.55 0.04 8.09
N LEU A 58 -27.91 -0.19 9.24
CA LEU A 58 -26.79 -1.13 9.28
C LEU A 58 -27.25 -2.57 9.06
N LYS A 59 -28.29 -2.98 9.79
CA LYS A 59 -28.87 -4.32 9.64
C LYS A 59 -29.30 -4.60 8.20
N ARG A 60 -29.96 -3.63 7.58
CA ARG A 60 -30.52 -3.82 6.24
C ARG A 60 -29.52 -3.53 5.12
N ILE A 61 -28.25 -3.42 5.49
CA ILE A 61 -27.20 -3.12 4.52
C ILE A 61 -26.50 -4.38 4.04
N GLN A 62 -26.31 -4.49 2.73
CA GLN A 62 -25.57 -5.61 2.16
C GLN A 62 -24.10 -5.49 2.56
N ILE A 63 -23.76 -6.12 3.68
CA ILE A 63 -22.45 -5.96 4.33
C ILE A 63 -21.27 -6.37 3.43
N ASP A 64 -21.31 -7.56 2.86
CA ASP A 64 -20.18 -8.09 2.09
C ASP A 64 -20.09 -7.53 0.67
N SER A 65 -20.91 -6.53 0.38
CA SER A 65 -21.03 -6.02 -1.00
C SER A 65 -20.37 -4.66 -1.22
N SER A 66 -19.53 -4.24 -0.27
CA SER A 66 -18.91 -2.92 -0.34
C SER A 66 -17.58 -2.89 -1.08
N ASP A 67 -17.07 -1.69 -1.30
CA ASP A 67 -15.73 -1.47 -1.83
C ASP A 67 -14.72 -1.28 -0.70
N PHE A 68 -15.08 -0.43 0.26
CA PHE A 68 -14.15 0.04 1.30
C PHE A 68 -13.81 -0.99 2.36
N LEU A 69 -14.63 -2.02 2.49
CA LEU A 69 -14.47 -2.96 3.59
C LEU A 69 -13.71 -4.21 3.21
N SER A 70 -12.56 -4.42 3.87
CA SER A 70 -11.80 -5.66 3.70
C SER A 70 -12.36 -6.72 4.63
N THR A 71 -11.79 -7.92 4.56
CA THR A 71 -12.30 -9.07 5.29
C THR A 71 -12.38 -8.83 6.80
N GLU A 72 -11.47 -8.02 7.33
CA GLU A 72 -11.43 -7.76 8.76
C GLU A 72 -12.64 -6.93 9.21
N GLU A 73 -12.92 -5.84 8.50
CA GLU A 73 -14.00 -4.93 8.88
C GLU A 73 -15.38 -5.44 8.44
N LYS A 74 -15.44 -6.02 7.25
CA LYS A 74 -16.66 -6.67 6.77
C LYS A 74 -17.12 -7.71 7.79
N GLU A 75 -16.22 -8.61 8.18
CA GLU A 75 -16.53 -9.67 9.15
C GLU A 75 -16.96 -9.11 10.50
N PHE A 76 -16.26 -8.06 10.94
CA PHE A 76 -16.57 -7.46 12.23
C PHE A 76 -17.96 -6.82 12.23
N LEU A 77 -18.36 -6.29 11.07
CA LEU A 77 -19.65 -5.60 10.96
C LEU A 77 -20.84 -6.56 10.97
N LYS A 78 -20.70 -7.69 10.27
CA LYS A 78 -21.69 -8.76 10.36
C LYS A 78 -21.81 -9.26 11.80
N LYS A 79 -20.67 -9.39 12.48
CA LYS A 79 -20.62 -9.88 13.85
C LYS A 79 -21.58 -9.14 14.79
N LEU A 80 -21.96 -7.93 14.41
CA LEU A 80 -22.92 -7.15 15.18
C LEU A 80 -24.15 -6.78 14.34
N GLN A 81 -24.13 -7.12 13.05
CA GLN A 81 -25.32 -7.06 12.21
C GLN A 81 -26.37 -7.97 12.84
N ILE A 82 -25.95 -9.14 13.30
CA ILE A 82 -26.81 -10.04 14.04
C ILE A 82 -27.17 -9.46 15.40
N ASP A 83 -26.14 -9.09 16.16
CA ASP A 83 -26.31 -8.63 17.55
C ASP A 83 -27.23 -7.42 17.70
N ILE A 84 -27.59 -6.80 16.58
CA ILE A 84 -28.53 -5.69 16.57
C ILE A 84 -29.98 -6.18 16.58
N LEU A 107 -25.29 -0.55 -3.51
CA LEU A 107 -25.47 0.14 -2.25
C LEU A 107 -25.78 1.63 -2.45
N SER A 108 -26.65 2.16 -1.58
CA SER A 108 -27.07 3.55 -1.66
C SER A 108 -25.94 4.52 -1.35
N GLU A 109 -26.10 5.77 -1.75
CA GLU A 109 -25.14 6.80 -1.39
C GLU A 109 -25.19 7.02 0.13
N LYS A 110 -26.40 6.93 0.68
CA LYS A 110 -26.64 7.07 2.12
C LYS A 110 -25.89 6.02 2.91
N GLU A 111 -25.91 4.79 2.41
CA GLU A 111 -25.29 3.65 3.06
C GLU A 111 -23.76 3.79 3.07
N LYS A 112 -23.24 4.36 1.99
CA LYS A 112 -21.80 4.53 1.83
C LYS A 112 -21.23 5.71 2.63
N GLU A 113 -21.97 6.83 2.66
CA GLU A 113 -21.57 7.98 3.48
C GLU A 113 -21.52 7.55 4.93
N PHE A 114 -22.46 6.69 5.30
CA PHE A 114 -22.52 6.11 6.63
C PHE A 114 -21.30 5.25 6.89
N LEU A 115 -20.96 4.41 5.93
CA LEU A 115 -19.90 3.43 6.10
C LEU A 115 -18.53 4.09 6.19
N LYS A 116 -18.32 5.14 5.42
CA LYS A 116 -17.08 5.89 5.51
C LYS A 116 -16.86 6.43 6.94
N LYS A 117 -17.93 6.89 7.58
CA LYS A 117 -17.78 7.39 8.94
C LYS A 117 -17.59 6.23 9.92
N LEU A 118 -18.37 5.15 9.75
CA LEU A 118 -18.31 4.04 10.68
C LEU A 118 -16.96 3.33 10.66
N LYS A 119 -16.29 3.36 9.51
CA LYS A 119 -15.01 2.67 9.36
C LYS A 119 -13.97 3.26 10.31
N LEU A 120 -14.12 4.55 10.61
CA LEU A 120 -13.18 5.25 11.47
C LEU A 120 -13.28 4.83 12.94
N ASP A 121 -14.43 4.29 13.34
CA ASP A 121 -14.67 3.95 14.74
C ASP A 121 -14.42 2.48 15.08
N ILE A 122 -13.99 1.67 14.12
CA ILE A 122 -13.81 0.24 14.37
C ILE A 122 -12.37 -0.26 14.17
N GLN A 123 -11.42 0.66 14.11
CA GLN A 123 -10.03 0.29 13.92
C GLN A 123 -9.43 -0.16 15.24
N PRO A 124 -8.69 -1.28 15.23
CA PRO A 124 -8.00 -1.65 16.46
C PRO A 124 -7.01 -0.57 16.85
N TYR A 125 -6.67 -0.45 18.13
CA TYR A 125 -5.54 0.39 18.46
C TYR A 125 -4.30 -0.47 18.22
N ASP A 126 -3.54 -0.14 17.18
CA ASP A 126 -2.49 -1.04 16.70
C ASP A 126 -1.23 -0.25 16.35
N ILE A 127 -0.28 -0.21 17.30
CA ILE A 127 0.91 0.64 17.18
C ILE A 127 1.75 0.23 15.98
N ASN A 128 2.04 -1.05 15.84
CA ASN A 128 2.83 -1.47 14.68
C ASN A 128 2.14 -1.20 13.33
N GLN A 129 0.81 -1.25 13.30
CA GLN A 129 0.09 -0.99 12.04
C GLN A 129 0.10 0.51 11.69
N ARG A 130 0.05 1.34 12.73
CA ARG A 130 0.12 2.78 12.55
C ARG A 130 1.48 3.13 11.96
N LEU A 131 2.53 2.55 12.51
CA LEU A 131 3.88 2.79 12.00
C LEU A 131 4.05 2.33 10.54
N GLN A 132 3.52 1.15 10.19
CA GLN A 132 3.64 0.67 8.80
C GLN A 132 2.77 1.49 7.84
N ASP A 133 1.55 1.83 8.25
CA ASP A 133 0.67 2.58 7.38
C ASP A 133 1.24 3.96 7.01
N THR A 134 1.92 4.60 7.97
CA THR A 134 2.50 5.92 7.79
C THR A 134 3.96 5.88 7.36
N GLY A 135 4.57 4.70 7.42
CA GLY A 135 5.98 4.59 7.15
C GLY A 135 6.79 5.39 8.17
N GLY A 136 6.28 5.47 9.42
CA GLY A 136 6.95 6.20 10.48
C GLY A 136 6.63 7.69 10.54
N LEU A 137 5.87 8.20 9.57
CA LEU A 137 5.48 9.60 9.55
C LEU A 137 4.19 9.77 10.34
N ILE A 138 4.31 9.62 11.64
CA ILE A 138 3.17 9.47 12.51
C ILE A 138 2.35 10.74 12.75
N ASP A 139 2.85 11.88 12.28
CA ASP A 139 2.07 13.12 12.36
C ASP A 139 1.12 13.31 11.15
N SER A 140 1.16 12.40 10.19
CA SER A 140 0.22 12.47 9.07
C SER A 140 -1.22 12.52 9.55
N PRO A 141 -2.00 13.51 9.08
CA PRO A 141 -3.35 13.76 9.59
C PRO A 141 -4.37 12.78 9.01
N SER A 142 -4.13 11.50 9.28
CA SER A 142 -4.92 10.43 8.68
C SER A 142 -5.74 9.72 9.75
N ILE A 143 -5.60 10.16 11.00
CA ILE A 143 -6.45 9.72 12.08
C ILE A 143 -6.73 10.88 13.02
N ASN A 144 -7.84 10.79 13.76
CA ASN A 144 -8.21 11.71 14.82
C ASN A 144 -7.00 12.18 15.64
N LEU A 145 -6.89 13.49 15.83
CA LEU A 145 -5.74 14.11 16.49
C LEU A 145 -5.46 13.50 17.86
N ASP A 146 -6.52 13.20 18.60
CA ASP A 146 -6.34 12.69 19.94
C ASP A 146 -5.71 11.30 19.94
N VAL A 147 -6.14 10.46 18.99
CA VAL A 147 -5.56 9.13 18.85
C VAL A 147 -4.16 9.21 18.24
N ARG A 148 -3.97 10.14 17.30
CA ARG A 148 -2.67 10.45 16.71
C ARG A 148 -1.63 10.74 17.81
N LYS A 149 -2.00 11.57 18.79
CA LYS A 149 -1.09 11.86 19.90
C LYS A 149 -0.87 10.65 20.83
N GLN A 150 -1.90 9.83 21.01
CA GLN A 150 -1.77 8.61 21.82
C GLN A 150 -0.73 7.67 21.20
N TYR A 151 -0.87 7.41 19.90
CA TYR A 151 0.10 6.60 19.16
C TYR A 151 1.52 7.17 19.35
N LYS A 152 1.63 8.48 19.16
CA LYS A 152 2.91 9.17 19.25
C LYS A 152 3.57 9.00 20.62
N ARG A 153 2.82 9.22 21.69
CA ARG A 153 3.34 8.99 23.06
C ARG A 153 3.79 7.54 23.21
N ASP A 154 2.94 6.59 22.82
CA ASP A 154 3.27 5.18 22.97
C ASP A 154 4.54 4.84 22.22
N ILE A 155 4.65 5.32 20.99
CA ILE A 155 5.84 5.08 20.17
C ILE A 155 7.09 5.70 20.77
N GLN A 156 7.01 6.97 21.14
CA GLN A 156 8.16 7.59 21.80
C GLN A 156 8.56 6.86 23.10
N ASN A 157 7.58 6.36 23.86
CA ASN A 157 7.89 5.62 25.09
C ASN A 157 8.53 4.26 24.81
N ILE A 158 8.07 3.57 23.77
CA ILE A 158 8.68 2.31 23.37
C ILE A 158 10.11 2.53 22.88
N ASP A 159 10.32 3.55 22.04
CA ASP A 159 11.66 3.92 21.60
C ASP A 159 12.63 4.11 22.78
N ALA A 160 12.16 4.78 23.82
CA ALA A 160 12.97 5.04 25.01
C ALA A 160 13.22 3.74 25.80
N LEU A 161 12.28 2.80 25.75
CA LEU A 161 12.49 1.50 26.36
C LEU A 161 13.58 0.69 25.68
N LEU A 162 13.71 0.86 24.36
CA LEU A 162 14.61 0.02 23.60
C LEU A 162 15.94 0.72 23.40
N HIS A 163 16.78 0.71 24.44
CA HIS A 163 18.02 1.46 24.43
C HIS A 163 19.27 0.56 24.46
N GLN A 164 19.10 -0.71 24.79
CA GLN A 164 20.23 -1.63 24.87
C GLN A 164 20.47 -2.37 23.55
N SER A 165 21.66 -2.22 23.01
CA SER A 165 22.02 -2.86 21.75
C SER A 165 22.27 -4.36 21.96
N ILE A 166 22.21 -5.14 20.88
CA ILE A 166 22.44 -6.58 21.01
C ILE A 166 23.93 -6.82 21.34
N GLY A 167 24.79 -5.87 20.95
CA GLY A 167 26.18 -5.89 21.37
C GLY A 167 27.14 -6.58 20.41
N SER A 168 28.42 -6.40 20.66
CA SER A 168 29.47 -6.81 19.73
C SER A 168 29.92 -8.25 19.91
N THR A 169 29.41 -8.96 20.91
CA THR A 169 29.80 -10.36 21.11
C THR A 169 28.69 -11.33 20.68
N LEU A 170 27.45 -10.85 20.65
CA LEU A 170 26.31 -11.69 20.28
C LEU A 170 25.88 -11.58 18.81
N TYR A 171 25.98 -10.37 18.25
CA TYR A 171 25.39 -10.03 16.96
C TYR A 171 25.72 -11.02 15.81
N ASN A 172 26.96 -11.52 15.77
CA ASN A 172 27.33 -12.46 14.71
C ASN A 172 27.32 -13.92 15.13
N LYS A 173 26.80 -14.22 16.31
CA LYS A 173 26.71 -15.59 16.80
C LYS A 173 25.28 -16.10 16.80
N ILE A 174 24.34 -15.20 16.53
CA ILE A 174 22.92 -15.54 16.55
C ILE A 174 22.17 -15.11 15.28
N TYR A 175 21.15 -15.88 14.95
CA TYR A 175 20.22 -15.54 13.89
C TYR A 175 18.88 -15.27 14.55
N LEU A 176 18.07 -14.41 13.95
CA LEU A 176 16.72 -14.15 14.43
C LEU A 176 15.78 -14.38 13.28
N TYR A 177 14.55 -14.79 13.58
CA TYR A 177 13.68 -15.32 12.54
C TYR A 177 12.32 -14.64 12.56
N GLU A 178 11.74 -14.53 11.38
CA GLU A 178 10.42 -13.95 11.24
C GLU A 178 9.67 -14.67 10.13
N ASN A 179 8.49 -15.19 10.45
CA ASN A 179 7.60 -15.74 9.45
C ASN A 179 6.71 -14.63 8.92
N MET A 180 6.49 -14.60 7.61
CA MET A 180 5.76 -13.52 6.99
C MET A 180 4.86 -13.99 5.85
N ASN A 181 3.73 -13.32 5.70
CA ASN A 181 2.81 -13.58 4.61
C ASN A 181 3.25 -12.81 3.36
N ILE A 182 3.40 -13.52 2.22
CA ILE A 182 3.86 -12.91 0.97
C ILE A 182 2.99 -11.71 0.60
N ASN A 183 1.70 -11.80 0.94
CA ASN A 183 0.79 -10.70 0.64
C ASN A 183 1.13 -9.39 1.39
N ASN A 184 1.89 -9.46 2.49
CA ASN A 184 2.32 -8.25 3.19
C ASN A 184 3.22 -7.40 2.30
N LEU A 185 3.96 -8.05 1.40
CA LEU A 185 4.91 -7.36 0.51
C LEU A 185 4.33 -7.08 -0.89
N THR A 186 3.80 -8.12 -1.54
CA THR A 186 3.13 -7.98 -2.82
C THR A 186 1.90 -8.90 -2.87
N ALA A 187 0.72 -8.30 -2.89
CA ALA A 187 -0.51 -9.07 -2.98
C ALA A 187 -0.72 -9.56 -4.41
N THR A 188 -0.14 -8.83 -5.36
CA THR A 188 -0.29 -9.18 -6.76
C THR A 188 0.41 -10.51 -7.05
N LEU A 189 1.67 -10.62 -6.65
CA LEU A 189 2.42 -11.84 -6.87
C LEU A 189 2.03 -12.92 -5.87
N GLY A 190 1.57 -12.50 -4.69
CA GLY A 190 1.14 -13.44 -3.67
C GLY A 190 -0.07 -14.28 -4.07
N ALA A 191 -0.86 -13.75 -4.99
CA ALA A 191 -2.01 -14.50 -5.49
C ALA A 191 -1.55 -15.81 -6.15
N ASP A 192 -0.37 -15.78 -6.77
CA ASP A 192 0.13 -16.92 -7.55
C ASP A 192 1.46 -17.53 -7.07
N LEU A 193 1.93 -17.17 -5.88
CA LEU A 193 3.18 -17.72 -5.36
C LEU A 193 3.10 -19.23 -5.09
N VAL A 194 1.92 -19.67 -4.68
CA VAL A 194 1.72 -21.06 -4.37
C VAL A 194 1.20 -21.80 -5.59
N ASP A 195 1.91 -22.85 -5.97
CA ASP A 195 1.49 -23.74 -7.04
C ASP A 195 0.03 -24.12 -6.83
N SER A 196 -0.82 -23.68 -7.76
CA SER A 196 -2.26 -23.90 -7.67
C SER A 196 -2.58 -25.38 -7.85
N THR A 197 -1.71 -26.10 -8.55
CA THR A 197 -1.92 -27.52 -8.75
C THR A 197 -1.46 -28.30 -7.51
N ASP A 198 -0.37 -27.86 -6.89
CA ASP A 198 0.18 -28.52 -5.71
C ASP A 198 0.63 -27.51 -4.65
N ASN A 199 -0.17 -27.36 -3.59
CA ASN A 199 0.06 -26.30 -2.61
C ASN A 199 1.34 -26.46 -1.79
N THR A 200 1.97 -27.61 -1.91
CA THR A 200 3.25 -27.84 -1.24
C THR A 200 4.42 -27.21 -1.99
N LYS A 201 4.17 -26.80 -3.23
CA LYS A 201 5.23 -26.29 -4.10
C LYS A 201 5.09 -24.80 -4.36
N ILE A 202 6.23 -24.14 -4.55
CA ILE A 202 6.28 -22.75 -4.99
C ILE A 202 6.37 -22.67 -6.52
N ASN A 203 5.50 -21.87 -7.14
CA ASN A 203 5.61 -21.57 -8.56
CA ASN A 203 5.60 -21.53 -8.56
C ASN A 203 6.95 -20.88 -8.85
N ARG A 204 7.83 -21.62 -9.52
CA ARG A 204 9.21 -21.19 -9.76
C ARG A 204 9.36 -19.86 -10.49
N GLY A 205 8.41 -19.57 -11.38
CA GLY A 205 8.46 -18.38 -12.20
C GLY A 205 8.12 -17.13 -11.40
N ILE A 206 7.01 -17.19 -10.67
CA ILE A 206 6.62 -16.14 -9.76
C ILE A 206 7.71 -15.87 -8.69
N PHE A 207 8.39 -16.92 -8.26
CA PHE A 207 9.52 -16.81 -7.34
C PHE A 207 10.67 -15.95 -7.87
N ASN A 208 10.94 -16.11 -9.16
CA ASN A 208 12.05 -15.38 -9.80
C ASN A 208 11.73 -13.89 -9.88
N GLU A 209 10.46 -13.58 -10.06
CA GLU A 209 10.00 -12.21 -10.17
C GLU A 209 9.89 -11.53 -8.79
N PHE A 210 9.60 -12.32 -7.75
CA PHE A 210 9.61 -11.82 -6.38
C PHE A 210 11.03 -11.45 -6.01
N LYS A 211 11.95 -12.35 -6.33
CA LYS A 211 13.37 -12.27 -6.00
C LYS A 211 14.19 -11.27 -6.84
N LYS A 212 13.80 -11.09 -8.09
CA LYS A 212 14.58 -10.32 -9.06
C LYS A 212 15.07 -8.96 -8.53
N ASN A 213 14.13 -8.13 -8.08
CA ASN A 213 14.47 -6.79 -7.66
C ASN A 213 14.35 -6.61 -6.15
N PHE A 214 14.62 -7.67 -5.41
CA PHE A 214 14.51 -7.64 -3.95
C PHE A 214 15.90 -7.56 -3.31
N LYS A 215 16.44 -6.33 -3.22
CA LYS A 215 17.80 -6.12 -2.71
C LYS A 215 17.86 -5.45 -1.34
N TYR A 216 16.83 -4.69 -0.98
CA TYR A 216 16.81 -4.07 0.33
C TYR A 216 15.40 -3.88 0.84
N SER A 217 15.32 -3.68 2.16
CA SER A 217 14.07 -3.77 2.89
C SER A 217 14.11 -2.73 4.00
N ILE A 218 12.98 -2.09 4.29
CA ILE A 218 12.92 -1.21 5.46
C ILE A 218 11.87 -1.64 6.47
N SER A 219 12.25 -1.63 7.74
CA SER A 219 11.29 -1.81 8.82
C SER A 219 11.00 -0.47 9.50
N SER A 220 9.79 0.02 9.28
CA SER A 220 9.36 1.28 9.87
C SER A 220 8.63 1.04 11.18
N ASN A 221 8.24 -0.21 11.44
CA ASN A 221 7.69 -0.52 12.75
C ASN A 221 8.68 -1.37 13.55
N TYR A 222 8.22 -1.92 14.67
CA TYR A 222 9.07 -2.72 15.52
C TYR A 222 8.93 -4.19 15.13
N MET A 223 9.98 -4.77 14.58
CA MET A 223 9.94 -6.18 14.24
C MET A 223 9.94 -7.03 15.50
N ILE A 224 9.01 -7.99 15.55
CA ILE A 224 9.00 -8.98 16.61
C ILE A 224 9.52 -10.30 16.05
N VAL A 225 10.69 -10.72 16.51
CA VAL A 225 11.39 -11.86 15.90
C VAL A 225 11.60 -13.00 16.89
N ASP A 226 11.68 -14.21 16.36
CA ASP A 226 11.92 -15.37 17.20
C ASP A 226 13.40 -15.69 17.24
N ILE A 227 13.85 -16.10 18.42
CA ILE A 227 15.22 -16.53 18.64
C ILE A 227 15.42 -17.88 17.96
N ASN A 228 14.37 -18.70 18.00
CA ASN A 228 14.40 -19.97 17.29
C ASN A 228 13.37 -19.97 16.18
N GLU A 229 13.75 -20.47 15.00
CA GLU A 229 12.82 -20.50 13.89
C GLU A 229 11.57 -21.27 14.26
N ARG A 230 10.43 -20.67 13.95
CA ARG A 230 9.11 -21.21 14.28
C ARG A 230 8.57 -21.93 13.07
N PRO A 231 7.93 -23.08 13.27
CA PRO A 231 7.26 -23.69 12.11
C PRO A 231 6.25 -22.70 11.55
N ALA A 232 6.14 -22.64 10.23
CA ALA A 232 5.22 -21.74 9.59
C ALA A 232 3.79 -22.13 9.95
N LEU A 233 2.96 -21.11 10.16
CA LEU A 233 1.55 -21.36 10.40
C LEU A 233 0.83 -20.91 9.15
N ASP A 234 -0.50 -20.81 9.19
CA ASP A 234 -1.25 -20.61 7.96
C ASP A 234 -0.86 -19.31 7.25
N ASN A 235 -0.57 -19.46 5.96
CA ASN A 235 -0.27 -18.38 5.02
C ASN A 235 1.08 -17.67 5.21
N GLU A 236 2.00 -18.28 5.95
CA GLU A 236 3.36 -17.74 6.07
C GLU A 236 4.32 -18.60 5.26
N ARG A 237 4.52 -18.28 4.00
CA ARG A 237 5.46 -19.04 3.18
C ARG A 237 6.84 -18.38 3.14
N LEU A 238 6.95 -17.15 3.65
CA LEU A 238 8.24 -16.48 3.74
C LEU A 238 8.88 -16.71 5.11
N LYS A 239 10.13 -17.16 5.11
CA LYS A 239 10.82 -17.36 6.38
C LYS A 239 12.12 -16.56 6.40
N TRP A 240 12.07 -15.40 7.04
CA TRP A 240 13.26 -14.57 7.20
C TRP A 240 14.26 -15.16 8.20
N ARG A 241 15.53 -15.09 7.83
CA ARG A 241 16.62 -15.31 8.77
C ARG A 241 17.45 -14.03 8.73
N ILE A 242 17.63 -13.42 9.89
CA ILE A 242 18.15 -12.06 9.96
C ILE A 242 19.37 -11.99 10.85
N GLN A 243 20.44 -11.36 10.36
CA GLN A 243 21.57 -11.08 11.23
C GLN A 243 21.55 -9.62 11.65
N LEU A 244 21.59 -9.38 12.95
CA LEU A 244 21.60 -8.02 13.49
C LEU A 244 22.99 -7.43 13.38
N SER A 245 23.09 -6.12 13.57
CA SER A 245 24.36 -5.45 13.70
C SER A 245 24.63 -5.21 15.20
N PRO A 246 25.88 -4.93 15.60
CA PRO A 246 26.17 -4.76 17.03
C PRO A 246 25.35 -3.65 17.72
N ASP A 247 25.02 -2.60 16.95
CA ASP A 247 24.31 -1.42 17.45
C ASP A 247 22.79 -1.54 17.45
N THR A 248 22.26 -2.58 16.81
CA THR A 248 20.82 -2.78 16.71
C THR A 248 20.23 -2.86 18.11
N ARG A 249 19.31 -1.96 18.44
CA ARG A 249 18.74 -2.00 19.77
C ARG A 249 17.52 -2.90 19.72
N ALA A 250 17.29 -3.55 20.85
CA ALA A 250 16.29 -4.58 21.00
C ALA A 250 15.91 -4.78 22.45
N GLY A 251 14.80 -5.47 22.70
CA GLY A 251 14.45 -5.92 24.04
C GLY A 251 14.00 -7.37 24.00
N TYR A 252 14.24 -8.10 25.09
CA TYR A 252 13.78 -9.47 25.17
C TYR A 252 12.28 -9.56 25.47
N LEU A 253 11.59 -10.45 24.77
CA LEU A 253 10.18 -10.71 25.05
C LEU A 253 10.02 -12.14 25.53
N GLU A 254 9.13 -12.37 26.47
CA GLU A 254 8.95 -13.71 26.99
C GLU A 254 8.67 -14.70 25.88
N ASN A 255 9.04 -15.96 26.14
CA ASN A 255 8.86 -17.09 25.23
C ASN A 255 9.79 -17.02 24.01
N GLY A 256 10.98 -16.46 24.22
CA GLY A 256 12.04 -16.55 23.23
C GLY A 256 11.92 -15.61 22.04
N LYS A 257 11.57 -14.35 22.32
CA LYS A 257 11.45 -13.36 21.25
C LYS A 257 12.25 -12.10 21.55
N LEU A 258 12.51 -11.35 20.48
CA LEU A 258 13.08 -10.02 20.59
C LEU A 258 12.14 -9.03 19.93
N ILE A 259 12.09 -7.83 20.49
CA ILE A 259 11.52 -6.73 19.76
C ILE A 259 12.67 -5.85 19.32
N LEU A 260 12.67 -5.50 18.05
CA LEU A 260 13.73 -4.70 17.47
C LEU A 260 13.25 -3.26 17.40
N GLN A 261 14.16 -2.33 17.66
CA GLN A 261 13.95 -0.91 17.40
C GLN A 261 13.33 -0.68 16.01
N ARG A 262 12.59 0.41 15.85
CA ARG A 262 12.04 0.71 14.53
C ARG A 262 13.08 1.42 13.69
N ASN A 263 12.71 1.74 12.44
CA ASN A 263 13.61 2.38 11.47
C ASN A 263 14.93 1.67 11.26
N ILE A 264 14.89 0.41 10.88
CA ILE A 264 16.13 -0.25 10.53
C ILE A 264 16.12 -0.64 9.07
N GLY A 265 17.32 -0.73 8.51
CA GLY A 265 17.49 -1.13 7.13
C GLY A 265 17.87 -2.59 7.12
N LEU A 266 17.46 -3.28 6.08
CA LEU A 266 17.80 -4.68 5.89
C LEU A 266 18.30 -4.84 4.46
N GLU A 267 19.52 -5.36 4.34
CA GLU A 267 20.01 -5.73 3.01
C GLU A 267 19.70 -7.18 2.75
N ILE A 268 19.15 -7.44 1.56
CA ILE A 268 18.79 -8.80 1.19
C ILE A 268 20.02 -9.52 0.67
N LYS A 269 20.41 -10.60 1.33
CA LYS A 269 21.66 -11.29 1.02
C LYS A 269 21.45 -12.53 0.17
N ASP A 270 20.34 -13.23 0.39
CA ASP A 270 20.02 -14.42 -0.38
C ASP A 270 18.52 -14.73 -0.27
N VAL A 271 17.92 -15.17 -1.38
CA VAL A 271 16.53 -15.60 -1.41
C VAL A 271 16.43 -16.94 -2.14
N GLN A 272 16.19 -18.00 -1.37
CA GLN A 272 16.20 -19.36 -1.89
C GLN A 272 14.88 -20.07 -1.61
N ILE A 273 14.48 -21.00 -2.48
CA ILE A 273 13.45 -21.94 -2.13
C ILE A 273 14.04 -23.04 -1.26
N ILE A 274 13.47 -23.23 -0.07
CA ILE A 274 13.89 -24.33 0.80
C ILE A 274 12.73 -25.28 1.08
N LYS A 275 13.05 -26.45 1.58
CA LYS A 275 12.03 -27.41 1.95
C LYS A 275 12.08 -27.66 3.45
N GLN A 276 10.93 -27.53 4.10
CA GLN A 276 10.81 -27.85 5.50
C GLN A 276 9.57 -28.71 5.70
N SER A 277 9.79 -29.92 6.22
CA SER A 277 8.71 -30.88 6.46
C SER A 277 7.83 -31.08 5.23
N GLU A 278 8.48 -31.42 4.12
CA GLU A 278 7.82 -31.71 2.84
C GLU A 278 6.85 -30.62 2.39
N LYS A 279 7.23 -29.37 2.59
CA LYS A 279 6.53 -28.25 1.97
C LYS A 279 7.57 -27.22 1.54
N GLU A 280 7.21 -26.34 0.61
CA GLU A 280 8.22 -25.42 0.10
C GLU A 280 8.03 -24.03 0.69
N TYR A 281 9.14 -23.42 1.07
CA TYR A 281 9.14 -22.08 1.65
C TYR A 281 10.19 -21.23 0.99
N ILE A 282 10.04 -19.92 1.10
CA ILE A 282 11.06 -19.05 0.61
C ILE A 282 11.90 -18.56 1.79
N ARG A 283 13.19 -18.95 1.80
CA ARG A 283 14.13 -18.41 2.77
C ARG A 283 14.57 -17.03 2.33
N ILE A 284 14.52 -16.06 3.25
CA ILE A 284 15.03 -14.72 2.96
C ILE A 284 16.13 -14.42 3.97
N ASP A 285 17.37 -14.39 3.52
CA ASP A 285 18.46 -13.98 4.39
C ASP A 285 18.69 -12.49 4.29
N ALA A 286 18.73 -11.83 5.45
CA ALA A 286 18.90 -10.39 5.48
C ALA A 286 19.86 -9.97 6.58
N LYS A 287 20.54 -8.86 6.33
CA LYS A 287 21.49 -8.28 7.27
C LYS A 287 21.04 -6.87 7.62
N VAL A 288 20.94 -6.58 8.92
CA VAL A 288 20.60 -5.22 9.36
C VAL A 288 21.72 -4.26 8.95
N VAL A 289 21.35 -3.10 8.43
CA VAL A 289 22.29 -2.04 8.07
C VAL A 289 21.66 -0.74 8.52
N PRO A 290 22.43 0.37 8.53
CA PRO A 290 21.79 1.66 8.84
C PRO A 290 20.70 2.03 7.85
N LYS A 291 19.53 2.45 8.34
CA LYS A 291 18.44 2.87 7.45
C LYS A 291 18.93 3.92 6.44
N SER A 292 19.80 4.82 6.89
CA SER A 292 20.28 5.94 6.07
C SER A 292 21.01 5.44 4.84
N LYS A 293 21.63 4.27 4.95
CA LYS A 293 22.23 3.63 3.81
C LYS A 293 21.18 3.26 2.74
N ILE A 294 20.05 2.71 3.18
CA ILE A 294 18.97 2.35 2.25
C ILE A 294 18.34 3.60 1.68
N ASP A 295 18.10 4.58 2.54
CA ASP A 295 17.44 5.82 2.11
C ASP A 295 18.29 6.55 1.07
N THR A 296 19.61 6.39 1.15
CA THR A 296 20.50 7.00 0.18
C THR A 296 20.31 6.33 -1.18
N LYS A 297 20.26 5.01 -1.19
CA LYS A 297 19.97 4.25 -2.39
C LYS A 297 18.64 4.68 -3.02
N ILE A 298 17.60 4.82 -2.19
CA ILE A 298 16.29 5.25 -2.71
C ILE A 298 16.34 6.65 -3.30
N GLN A 299 17.07 7.55 -2.65
CA GLN A 299 17.15 8.93 -3.12
C GLN A 299 17.92 9.00 -4.44
N GLU A 300 19.00 8.25 -4.57
CA GLU A 300 19.77 8.22 -5.82
C GLU A 300 18.90 7.69 -6.96
N ALA A 301 18.10 6.66 -6.65
CA ALA A 301 17.21 6.07 -7.64
C ALA A 301 16.13 7.05 -8.09
N GLN A 302 15.61 7.84 -7.15
CA GLN A 302 14.63 8.87 -7.48
C GLN A 302 15.23 9.94 -8.41
N LEU A 303 16.50 10.29 -8.14
CA LEU A 303 17.25 11.17 -9.03
C LEU A 303 17.34 10.59 -10.46
N ASN A 304 17.88 9.39 -10.57
CA ASN A 304 18.05 8.69 -11.85
C ASN A 304 16.77 8.59 -12.69
N ILE A 305 15.67 8.11 -12.09
CA ILE A 305 14.43 7.95 -12.83
C ILE A 305 13.81 9.29 -13.27
N ASN A 306 13.99 10.34 -12.48
CA ASN A 306 13.52 11.64 -12.91
C ASN A 306 14.37 12.17 -14.06
N GLN A 307 15.67 11.94 -13.99
CA GLN A 307 16.57 12.44 -15.03
C GLN A 307 16.26 11.74 -16.35
N GLU A 308 16.13 10.42 -16.28
CA GLU A 308 15.79 9.63 -17.44
C GLU A 308 14.46 10.04 -18.06
N TRP A 309 13.45 10.29 -17.24
CA TRP A 309 12.12 10.59 -17.77
C TRP A 309 11.87 12.06 -18.08
N ASN A 310 12.60 12.95 -17.41
CA ASN A 310 12.52 14.36 -17.77
C ASN A 310 12.98 14.49 -19.21
N LYS A 311 14.05 13.79 -19.53
CA LYS A 311 14.57 13.76 -20.88
C LYS A 311 13.57 13.19 -21.87
N ALA A 312 13.10 11.98 -21.63
CA ALA A 312 12.13 11.32 -22.50
C ALA A 312 10.85 12.12 -22.72
N LEU A 313 10.50 12.98 -21.76
CA LEU A 313 9.28 13.77 -21.86
C LEU A 313 9.54 15.18 -22.35
N GLY A 314 10.83 15.56 -22.43
CA GLY A 314 11.18 16.90 -22.85
C GLY A 314 10.87 17.92 -21.78
N LEU A 315 11.20 17.58 -20.53
CA LEU A 315 11.01 18.48 -19.39
C LEU A 315 12.35 19.02 -18.96
N PRO A 316 12.35 20.17 -18.28
CA PRO A 316 13.57 20.71 -17.67
C PRO A 316 14.30 19.66 -16.84
N LYS A 317 15.63 19.64 -16.93
CA LYS A 317 16.46 18.58 -16.33
C LYS A 317 16.21 18.34 -14.83
N TYR A 318 15.77 19.38 -14.15
CA TYR A 318 15.71 19.40 -12.69
C TYR A 318 14.27 19.21 -12.20
N THR A 319 13.37 18.97 -13.15
CA THR A 319 11.97 18.76 -12.80
C THR A 319 11.86 17.56 -11.84
N LYS A 320 11.11 17.73 -10.76
CA LYS A 320 10.88 16.60 -9.88
C LYS A 320 9.44 16.17 -10.05
N LEU A 321 9.27 15.08 -10.78
CA LEU A 321 7.96 14.59 -11.17
C LEU A 321 7.66 13.28 -10.47
N ILE A 322 8.70 12.46 -10.35
CA ILE A 322 8.55 11.14 -9.77
C ILE A 322 9.03 11.13 -8.33
N THR A 323 8.14 10.71 -7.43
CA THR A 323 8.46 10.59 -6.01
C THR A 323 8.46 9.12 -5.56
N PHE A 324 9.52 8.72 -4.86
CA PHE A 324 9.55 7.44 -4.17
C PHE A 324 9.25 7.69 -2.69
N ASN A 325 8.03 7.40 -2.27
CA ASN A 325 7.67 7.51 -0.85
C ASN A 325 7.71 6.11 -0.25
N VAL A 326 8.91 5.68 0.11
CA VAL A 326 9.18 4.27 0.40
C VAL A 326 9.75 4.03 1.81
N HIS A 327 9.10 3.16 2.58
CA HIS A 327 9.42 3.01 4.01
C HIS A 327 9.27 1.60 4.57
N ASN A 328 8.92 0.64 3.72
CA ASN A 328 8.55 -0.66 4.25
C ASN A 328 9.29 -1.83 3.61
N ARG A 329 8.81 -3.05 3.85
CA ARG A 329 9.69 -4.21 3.78
C ARG A 329 10.03 -4.69 2.38
N TYR A 330 9.30 -4.21 1.37
CA TYR A 330 9.55 -4.60 -0.02
C TYR A 330 10.09 -3.41 -0.80
N ALA A 331 10.69 -2.49 -0.05
CA ALA A 331 11.26 -1.22 -0.51
C ALA A 331 11.89 -1.20 -1.91
N SER A 332 12.92 -2.02 -2.13
CA SER A 332 13.63 -1.99 -3.40
C SER A 332 12.71 -2.31 -4.59
N ASN A 333 11.65 -3.07 -4.37
CA ASN A 333 10.76 -3.40 -5.49
C ASN A 333 9.77 -2.30 -5.84
N ILE A 334 9.39 -1.49 -4.86
CA ILE A 334 8.58 -0.32 -5.13
C ILE A 334 9.36 0.54 -6.11
N VAL A 335 10.66 0.66 -5.83
CA VAL A 335 11.56 1.49 -6.61
C VAL A 335 11.75 0.93 -8.01
N GLU A 336 12.13 -0.32 -8.12
CA GLU A 336 12.41 -0.94 -9.42
C GLU A 336 11.16 -1.10 -10.30
N SER A 337 9.99 -1.27 -9.70
CA SER A 337 8.80 -1.50 -10.51
C SER A 337 8.23 -0.20 -11.08
N ALA A 338 8.63 0.94 -10.53
CA ALA A 338 8.24 2.23 -11.08
C ALA A 338 8.76 2.36 -12.50
N TYR A 339 10.01 1.95 -12.70
CA TYR A 339 10.61 1.93 -14.03
C TYR A 339 9.77 1.14 -15.01
N LEU A 340 9.36 -0.05 -14.60
CA LEU A 340 8.60 -0.96 -15.45
C LEU A 340 7.20 -0.43 -15.73
N ILE A 341 6.59 0.17 -14.72
CA ILE A 341 5.27 0.76 -14.83
C ILE A 341 5.28 1.93 -15.82
N LEU A 342 6.33 2.76 -15.77
CA LEU A 342 6.37 3.92 -16.64
C LEU A 342 6.74 3.51 -18.06
N ASN A 343 7.48 2.41 -18.22
CA ASN A 343 7.77 1.87 -19.55
C ASN A 343 6.51 1.36 -20.24
N GLU A 344 5.72 0.58 -19.49
CA GLU A 344 4.41 0.11 -19.97
C GLU A 344 3.51 1.28 -20.32
N TRP A 345 3.55 2.30 -19.47
CA TRP A 345 2.83 3.54 -19.73
C TRP A 345 3.22 4.12 -21.10
N LYS A 346 4.51 4.32 -21.33
CA LYS A 346 5.02 4.91 -22.57
C LYS A 346 4.81 4.01 -23.79
N ASN A 347 4.86 2.69 -23.60
CA ASN A 347 4.70 1.73 -24.69
C ASN A 347 3.29 1.70 -25.24
N ASN A 348 2.32 1.99 -24.38
CA ASN A 348 0.93 1.78 -24.73
C ASN A 348 0.10 3.04 -24.86
N ILE A 349 0.68 4.20 -24.62
CA ILE A 349 -0.08 5.42 -24.84
C ILE A 349 0.66 6.30 -25.84
N GLN A 350 -0.08 6.96 -26.73
CA GLN A 350 0.51 7.85 -27.73
C GLN A 350 1.43 8.87 -27.06
N SER A 351 2.62 9.05 -27.64
CA SER A 351 3.66 9.89 -27.06
C SER A 351 3.20 11.33 -26.85
N ASP A 352 2.53 11.89 -27.86
CA ASP A 352 2.02 13.25 -27.78
C ASP A 352 0.99 13.43 -26.65
N LEU A 353 0.15 12.43 -26.43
CA LEU A 353 -0.83 12.49 -25.35
C LEU A 353 -0.12 12.53 -23.98
N ILE A 354 0.80 11.60 -23.78
CA ILE A 354 1.62 11.55 -22.58
C ILE A 354 2.30 12.90 -22.30
N LYS A 355 2.95 13.47 -23.33
CA LYS A 355 3.68 14.71 -23.10
C LYS A 355 2.72 15.86 -22.75
N LYS A 356 1.61 15.97 -23.47
CA LYS A 356 0.64 17.03 -23.23
C LYS A 356 0.03 16.97 -21.82
N VAL A 357 -0.36 15.78 -21.39
CA VAL A 357 -1.02 15.65 -20.09
C VAL A 357 -0.01 15.83 -18.97
N THR A 358 1.13 15.19 -19.09
CA THR A 358 2.17 15.32 -18.09
C THR A 358 2.64 16.77 -17.94
N ASN A 359 2.67 17.54 -19.03
CA ASN A 359 3.04 18.95 -18.92
C ASN A 359 2.03 19.74 -18.10
N TYR A 360 0.76 19.43 -18.29
CA TYR A 360 -0.32 19.98 -17.48
C TYR A 360 -0.11 19.63 -16.01
N LEU A 361 0.21 18.37 -15.74
CA LEU A 361 0.44 17.94 -14.36
C LEU A 361 1.62 18.71 -13.76
N VAL A 362 2.71 18.85 -14.52
CA VAL A 362 3.87 19.55 -13.99
C VAL A 362 3.56 21.04 -13.80
N ASP A 363 2.71 21.58 -14.68
CA ASP A 363 2.23 22.95 -14.55
C ASP A 363 1.53 23.16 -13.20
N GLY A 364 0.92 22.11 -12.66
CA GLY A 364 0.27 22.19 -11.36
C GLY A 364 1.09 21.62 -10.20
N ASN A 365 2.40 21.49 -10.42
CA ASN A 365 3.33 20.94 -9.44
C ASN A 365 3.07 19.46 -9.09
N GLY A 366 2.48 18.74 -10.05
CA GLY A 366 2.07 17.35 -9.87
C GLY A 366 3.18 16.33 -9.66
N ARG A 367 2.78 15.13 -9.24
CA ARG A 367 3.76 14.09 -8.96
C ARG A 367 3.21 12.74 -9.39
N PHE A 368 4.09 11.85 -9.82
CA PHE A 368 3.80 10.43 -9.85
C PHE A 368 4.38 9.86 -8.55
N VAL A 369 3.52 9.48 -7.61
CA VAL A 369 4.01 8.98 -6.34
C VAL A 369 3.90 7.46 -6.30
N PHE A 370 5.05 6.79 -6.21
CA PHE A 370 5.09 5.35 -6.01
C PHE A 370 5.46 5.10 -4.55
N THR A 371 4.62 4.35 -3.84
CA THR A 371 4.74 4.30 -2.40
C THR A 371 4.37 2.93 -1.85
N ASP A 372 4.85 2.65 -0.63
CA ASP A 372 4.41 1.47 0.12
C ASP A 372 3.79 1.83 1.47
N ILE A 373 3.41 3.10 1.61
CA ILE A 373 2.57 3.50 2.74
C ILE A 373 1.16 3.78 2.23
N THR A 374 0.16 3.78 3.11
CA THR A 374 -1.21 3.89 2.63
C THR A 374 -1.48 5.30 2.13
N LEU A 375 -2.37 5.40 1.15
CA LEU A 375 -2.54 6.63 0.42
C LEU A 375 -3.06 7.82 1.27
N PRO A 376 -3.83 7.56 2.34
CA PRO A 376 -4.17 8.72 3.17
C PRO A 376 -2.96 9.40 3.82
N ASN A 377 -1.81 8.72 3.89
CA ASN A 377 -0.63 9.30 4.49
C ASN A 377 0.30 9.92 3.46
N ILE A 378 -0.23 10.11 2.27
CA ILE A 378 0.47 10.81 1.19
C ILE A 378 -0.01 12.27 1.16
N ALA A 379 0.92 13.22 1.25
CA ALA A 379 0.54 14.63 1.29
C ALA A 379 -0.24 15.09 0.06
N GLU A 380 0.10 14.58 -1.13
CA GLU A 380 -0.64 14.98 -2.33
C GLU A 380 -2.12 14.62 -2.22
N GLN A 381 -2.47 13.67 -1.33
CA GLN A 381 -3.89 13.47 -1.04
C GLN A 381 -4.31 14.25 0.21
N TYR A 382 -3.67 14.04 1.37
CA TYR A 382 -4.27 14.57 2.58
C TYR A 382 -4.24 16.09 2.66
N THR A 383 -3.34 16.74 1.94
CA THR A 383 -3.32 18.21 1.86
C THR A 383 -4.66 18.77 1.34
N HIS A 384 -5.45 17.96 0.65
CA HIS A 384 -6.68 18.47 0.06
C HIS A 384 -7.90 17.76 0.59
N GLN A 385 -7.69 16.88 1.56
CA GLN A 385 -8.76 16.08 2.08
C GLN A 385 -8.70 16.12 3.60
N ASP A 386 -9.28 17.16 4.18
CA ASP A 386 -9.19 17.38 5.62
C ASP A 386 -10.01 16.34 6.38
N GLU A 387 -11.24 16.09 5.92
CA GLU A 387 -12.06 15.10 6.59
C GLU A 387 -11.49 13.71 6.37
N ILE A 388 -11.16 13.05 7.47
CA ILE A 388 -10.58 11.73 7.42
C ILE A 388 -11.56 10.72 6.82
N TYR A 389 -12.85 10.92 7.01
CA TYR A 389 -13.81 9.97 6.43
C TYR A 389 -13.81 10.04 4.89
N GLU A 390 -13.17 11.05 4.31
CA GLU A 390 -13.12 11.21 2.84
C GLU A 390 -11.80 10.72 2.27
N GLN A 391 -10.88 10.31 3.13
CA GLN A 391 -9.57 9.88 2.67
C GLN A 391 -9.72 8.46 2.17
N VAL A 392 -8.98 8.15 1.10
CA VAL A 392 -9.09 6.89 0.41
C VAL A 392 -7.75 6.17 0.41
N HIS A 393 -7.76 4.89 0.77
CA HIS A 393 -6.63 4.01 0.49
C HIS A 393 -7.06 3.03 -0.60
N SER A 394 -6.14 2.72 -1.51
CA SER A 394 -6.41 1.85 -2.66
C SER A 394 -5.13 1.66 -3.43
N LYS A 395 -5.20 0.84 -4.47
CA LYS A 395 -4.06 0.57 -5.33
C LYS A 395 -3.58 1.85 -5.98
N GLY A 396 -4.51 2.67 -6.44
CA GLY A 396 -4.16 3.84 -7.20
C GLY A 396 -5.13 4.97 -6.99
N LEU A 397 -4.63 6.19 -7.15
CA LEU A 397 -5.47 7.37 -7.00
C LEU A 397 -5.01 8.48 -7.95
N TYR A 398 -5.96 9.27 -8.43
CA TYR A 398 -5.64 10.56 -9.04
C TYR A 398 -6.27 11.68 -8.22
N VAL A 399 -5.46 12.64 -7.79
CA VAL A 399 -5.95 13.77 -7.00
C VAL A 399 -5.89 15.08 -7.81
N PRO A 400 -7.04 15.57 -8.28
CA PRO A 400 -7.01 16.72 -9.19
C PRO A 400 -6.47 18.00 -8.54
N GLU A 401 -6.75 18.22 -7.25
CA GLU A 401 -6.29 19.42 -6.55
C GLU A 401 -4.77 19.52 -6.50
N SER A 402 -4.07 18.40 -6.63
CA SER A 402 -2.61 18.43 -6.65
C SER A 402 -2.04 17.80 -7.93
N ARG A 403 -2.92 17.42 -8.84
CA ARG A 403 -2.51 16.90 -10.15
C ARG A 403 -1.58 15.73 -10.01
N SER A 404 -1.88 14.85 -9.06
CA SER A 404 -0.95 13.76 -8.79
C SER A 404 -1.58 12.39 -8.90
N ILE A 405 -0.78 11.48 -9.43
CA ILE A 405 -1.10 10.07 -9.50
C ILE A 405 -0.38 9.36 -8.34
N LEU A 406 -1.13 8.61 -7.55
CA LEU A 406 -0.56 7.84 -6.44
C LEU A 406 -0.73 6.35 -6.73
N LEU A 407 0.37 5.59 -6.60
CA LEU A 407 0.30 4.16 -6.84
C LEU A 407 0.92 3.38 -5.65
N HIS A 408 0.08 2.58 -5.02
CA HIS A 408 0.47 1.80 -3.86
C HIS A 408 0.96 0.40 -4.25
N GLY A 409 2.24 0.15 -4.08
CA GLY A 409 2.87 -1.10 -4.46
C GLY A 409 2.33 -2.40 -3.87
N PRO A 410 2.25 -2.51 -2.52
CA PRO A 410 1.93 -3.80 -1.89
C PRO A 410 0.53 -4.35 -2.17
N SER A 411 -0.44 -3.49 -2.44
CA SER A 411 -1.82 -3.96 -2.50
C SER A 411 -2.19 -4.55 -3.86
N LYS A 412 -3.40 -5.08 -3.98
CA LYS A 412 -3.87 -5.69 -5.22
C LYS A 412 -5.24 -5.13 -5.61
N GLY A 413 -5.31 -4.49 -6.78
CA GLY A 413 -6.53 -3.88 -7.23
C GLY A 413 -7.52 -4.92 -7.74
N VAL A 414 -8.79 -4.78 -7.35
CA VAL A 414 -9.81 -5.72 -7.80
C VAL A 414 -9.99 -5.55 -9.31
N GLU A 415 -9.79 -6.65 -10.04
CA GLU A 415 -9.95 -6.72 -11.50
C GLU A 415 -8.80 -6.05 -12.24
N LEU A 416 -7.68 -5.85 -11.55
CA LEU A 416 -6.45 -5.42 -12.20
C LEU A 416 -5.51 -6.60 -12.24
N ARG A 417 -4.77 -6.76 -13.33
CA ARG A 417 -3.81 -7.85 -13.40
C ARG A 417 -2.43 -7.43 -12.87
N ASN A 418 -2.11 -6.14 -13.00
CA ASN A 418 -0.80 -5.65 -12.57
C ASN A 418 -0.82 -4.15 -12.29
N ASP A 419 0.31 -3.62 -11.85
CA ASP A 419 0.40 -2.21 -11.46
C ASP A 419 0.37 -1.26 -12.65
N SER A 420 1.00 -1.69 -13.75
CA SER A 420 1.00 -0.92 -14.98
C SER A 420 -0.42 -0.54 -15.37
N GLU A 421 -1.33 -1.50 -15.31
CA GLU A 421 -2.71 -1.25 -15.70
C GLU A 421 -3.38 -0.26 -14.76
N GLY A 422 -3.06 -0.38 -13.47
CA GLY A 422 -3.56 0.55 -12.48
C GLY A 422 -3.14 1.96 -12.82
N PHE A 423 -1.85 2.13 -13.12
CA PHE A 423 -1.33 3.44 -13.46
C PHE A 423 -2.10 4.06 -14.62
N ILE A 424 -2.31 3.26 -15.67
CA ILE A 424 -2.96 3.73 -16.88
C ILE A 424 -4.39 4.24 -16.59
N HIS A 425 -5.09 3.53 -15.72
CA HIS A 425 -6.39 3.96 -15.22
C HIS A 425 -6.31 5.34 -14.57
N GLU A 426 -5.32 5.54 -13.69
CA GLU A 426 -5.21 6.82 -13.00
C GLU A 426 -4.86 7.92 -13.98
N PHE A 427 -4.03 7.58 -14.97
CA PHE A 427 -3.69 8.54 -16.02
C PHE A 427 -4.94 8.87 -16.82
N GLY A 428 -5.86 7.93 -16.93
CA GLY A 428 -7.18 8.18 -17.51
C GLY A 428 -7.87 9.32 -16.79
N HIS A 429 -7.85 9.28 -15.45
CA HIS A 429 -8.41 10.37 -14.64
C HIS A 429 -7.75 11.71 -14.94
N ALA A 430 -6.42 11.69 -15.09
CA ALA A 430 -5.68 12.88 -15.49
C ALA A 430 -6.08 13.37 -16.90
N VAL A 431 -6.32 12.44 -17.81
CA VAL A 431 -6.79 12.82 -19.16
C VAL A 431 -8.14 13.50 -19.06
N ASP A 432 -8.98 12.98 -18.16
CA ASP A 432 -10.32 13.50 -17.96
C ASP A 432 -10.23 14.94 -17.46
N ASP A 433 -9.34 15.14 -16.49
CA ASP A 433 -9.00 16.45 -15.93
C ASP A 433 -8.60 17.43 -17.04
N TYR A 434 -7.54 17.09 -17.78
CA TYR A 434 -6.96 18.01 -18.76
C TYR A 434 -7.87 18.36 -19.93
N ALA A 435 -8.70 17.43 -20.36
CA ALA A 435 -9.49 17.71 -21.55
C ALA A 435 -10.61 18.67 -21.17
N GLY A 436 -11.05 18.59 -19.91
CA GLY A 436 -12.13 19.44 -19.43
C GLY A 436 -11.63 20.84 -19.16
N TYR A 437 -10.36 20.92 -18.76
CA TYR A 437 -9.69 22.20 -18.60
C TYR A 437 -9.64 22.92 -19.95
N LEU A 438 -9.24 22.19 -20.99
CA LEU A 438 -9.14 22.78 -22.33
C LEU A 438 -10.49 23.29 -22.84
N LEU A 439 -11.57 22.63 -22.45
CA LEU A 439 -12.92 23.07 -22.81
C LEU A 439 -13.24 24.47 -22.29
N ASP A 440 -12.77 24.75 -21.08
CA ASP A 440 -13.09 25.97 -20.34
C ASP A 440 -11.99 26.18 -19.28
N LYS A 441 -10.94 26.92 -19.65
CA LYS A 441 -9.74 27.01 -18.81
C LYS A 441 -9.78 28.08 -17.71
N ASN A 442 -10.78 28.95 -17.72
CA ASN A 442 -10.97 29.86 -16.60
C ASN A 442 -11.49 29.05 -15.42
N GLN A 443 -12.74 28.61 -15.56
CA GLN A 443 -13.33 27.73 -14.58
C GLN A 443 -13.38 26.29 -15.08
N SER A 444 -12.53 25.46 -14.48
CA SER A 444 -12.24 24.14 -15.03
C SER A 444 -12.96 22.98 -14.33
N ASP A 445 -13.65 22.18 -15.13
CA ASP A 445 -14.34 21.00 -14.67
C ASP A 445 -13.75 19.77 -15.37
N LEU A 446 -14.14 18.57 -14.92
CA LEU A 446 -13.74 17.31 -15.57
C LEU A 446 -14.60 17.11 -16.84
N VAL A 447 -14.04 16.61 -17.95
CA VAL A 447 -14.93 16.33 -19.09
C VAL A 447 -16.06 15.39 -18.76
N THR A 448 -15.87 14.54 -17.76
CA THR A 448 -16.89 13.55 -17.50
C THR A 448 -18.03 14.20 -16.75
N ASN A 449 -17.89 15.49 -16.46
CA ASN A 449 -18.98 16.21 -15.82
C ASN A 449 -19.88 16.93 -16.83
N SER A 450 -19.37 17.08 -18.06
CA SER A 450 -20.16 17.64 -19.18
C SER A 450 -21.39 16.78 -19.50
N LYS A 451 -22.48 17.42 -19.92
CA LYS A 451 -23.73 16.70 -20.18
C LYS A 451 -23.59 15.69 -21.32
N LYS A 452 -22.68 15.95 -22.25
CA LYS A 452 -22.35 14.95 -23.28
C LYS A 452 -21.99 13.61 -22.64
N PHE A 453 -20.95 13.60 -21.80
CA PHE A 453 -20.49 12.32 -21.27
C PHE A 453 -21.49 11.70 -20.32
N ILE A 454 -22.20 12.54 -19.58
CA ILE A 454 -23.19 12.03 -18.62
C ILE A 454 -24.26 11.21 -19.35
N ASP A 455 -24.72 11.69 -20.49
CA ASP A 455 -25.72 10.96 -21.27
C ASP A 455 -25.13 9.66 -21.80
N ILE A 456 -23.92 9.75 -22.36
CA ILE A 456 -23.22 8.55 -22.80
C ILE A 456 -23.15 7.51 -21.70
N PHE A 457 -22.85 7.97 -20.49
CA PHE A 457 -22.68 7.07 -19.35
C PHE A 457 -23.97 6.38 -18.93
N LYS A 458 -25.10 7.08 -18.94
CA LYS A 458 -26.34 6.39 -18.54
C LYS A 458 -26.80 5.40 -19.61
N GLU A 459 -26.19 5.48 -20.79
CA GLU A 459 -26.48 4.51 -21.84
C GLU A 459 -25.54 3.33 -21.74
N GLU A 460 -24.23 3.60 -21.78
CA GLU A 460 -23.24 2.56 -21.93
C GLU A 460 -22.52 2.20 -20.64
N GLY A 461 -22.76 2.99 -19.59
CA GLY A 461 -22.09 2.81 -18.31
C GLY A 461 -22.08 1.43 -17.67
N SER A 462 -22.86 0.50 -18.21
CA SER A 462 -22.92 -0.85 -17.63
C SER A 462 -22.30 -1.89 -18.54
N ASN A 463 -21.68 -1.44 -19.62
CA ASN A 463 -21.26 -2.35 -20.68
C ASN A 463 -19.82 -2.80 -20.56
N LEU A 464 -19.06 -2.20 -19.65
CA LEU A 464 -17.64 -2.52 -19.53
C LEU A 464 -17.45 -3.25 -18.22
N THR A 465 -16.53 -2.79 -17.38
CA THR A 465 -16.26 -3.51 -16.13
C THR A 465 -17.30 -3.24 -15.07
N SER A 466 -17.32 -4.10 -14.06
CA SER A 466 -18.25 -3.95 -12.95
C SER A 466 -18.03 -2.62 -12.25
N TYR A 467 -16.76 -2.31 -11.96
CA TYR A 467 -16.41 -1.05 -11.29
C TYR A 467 -16.67 0.16 -12.20
N GLY A 468 -16.69 -0.06 -13.51
CA GLY A 468 -17.02 0.99 -14.46
C GLY A 468 -18.36 1.66 -14.18
N ARG A 469 -19.30 0.89 -13.63
CA ARG A 469 -20.65 1.36 -13.34
C ARG A 469 -20.75 2.45 -12.27
N THR A 470 -19.69 2.65 -11.51
CA THR A 470 -19.73 3.46 -10.29
C THR A 470 -20.17 4.91 -10.53
N ASN A 471 -19.54 5.54 -11.51
CA ASN A 471 -19.92 6.88 -11.93
C ASN A 471 -19.20 7.19 -13.22
N GLU A 472 -19.38 8.42 -13.70
CA GLU A 472 -18.82 8.81 -14.98
C GLU A 472 -17.30 8.83 -14.96
N ALA A 473 -16.73 9.35 -13.88
CA ALA A 473 -15.28 9.45 -13.81
C ALA A 473 -14.64 8.07 -13.91
N GLU A 474 -15.19 7.09 -13.20
CA GLU A 474 -14.59 5.77 -13.20
C GLU A 474 -14.83 5.04 -14.50
N PHE A 475 -16.01 5.25 -15.07
CA PHE A 475 -16.37 4.63 -16.32
C PHE A 475 -15.38 5.05 -17.40
N PHE A 476 -15.15 6.36 -17.47
CA PHE A 476 -14.17 6.96 -18.37
C PHE A 476 -12.78 6.37 -18.18
N ALA A 477 -12.33 6.33 -16.93
CA ALA A 477 -10.97 5.88 -16.64
C ALA A 477 -10.81 4.39 -16.96
N GLU A 478 -11.83 3.61 -16.63
CA GLU A 478 -11.84 2.19 -16.98
C GLU A 478 -11.83 1.98 -18.51
N ALA A 479 -12.70 2.70 -19.21
CA ALA A 479 -12.73 2.65 -20.67
C ALA A 479 -11.37 3.04 -21.21
N PHE A 480 -10.79 4.09 -20.64
CA PHE A 480 -9.46 4.52 -21.05
C PHE A 480 -8.41 3.42 -20.84
N ARG A 481 -8.45 2.75 -19.69
CA ARG A 481 -7.53 1.67 -19.40
C ARG A 481 -7.68 0.54 -20.41
N LEU A 482 -8.91 0.05 -20.58
CA LEU A 482 -9.20 -1.03 -21.51
C LEU A 482 -8.80 -0.67 -22.94
N MET A 483 -8.99 0.59 -23.32
CA MET A 483 -8.62 1.05 -24.66
C MET A 483 -7.11 1.01 -24.88
N HIS A 484 -6.33 0.85 -23.81
CA HIS A 484 -4.88 0.79 -23.97
C HIS A 484 -4.25 -0.47 -23.35
N SER A 485 -5.08 -1.48 -23.10
CA SER A 485 -4.60 -2.82 -22.80
C SER A 485 -3.60 -3.38 -23.82
N THR A 486 -2.64 -4.18 -23.35
CA THR A 486 -1.76 -4.89 -24.28
C THR A 486 -2.58 -5.97 -25.00
N ASP A 487 -3.60 -6.48 -24.32
CA ASP A 487 -4.57 -7.39 -24.89
C ASP A 487 -5.56 -6.67 -25.82
N HIS A 488 -5.45 -6.90 -27.13
CA HIS A 488 -6.25 -6.11 -28.05
C HIS A 488 -7.67 -6.63 -28.20
N ALA A 489 -7.93 -7.82 -27.67
CA ALA A 489 -9.30 -8.27 -27.49
C ALA A 489 -10.04 -7.31 -26.55
N GLU A 490 -9.39 -6.98 -25.44
CA GLU A 490 -9.98 -6.06 -24.46
C GLU A 490 -10.24 -4.68 -25.06
N ARG A 491 -9.36 -4.24 -25.96
CA ARG A 491 -9.56 -2.97 -26.66
C ARG A 491 -10.79 -3.00 -27.57
N LEU A 492 -10.90 -4.03 -28.41
CA LEU A 492 -12.00 -4.10 -29.36
C LEU A 492 -13.36 -4.26 -28.65
N LYS A 493 -13.35 -4.83 -27.45
CA LYS A 493 -14.58 -4.93 -26.69
C LYS A 493 -15.13 -3.55 -26.31
N VAL A 494 -14.25 -2.57 -26.12
CA VAL A 494 -14.73 -1.22 -25.80
C VAL A 494 -15.42 -0.64 -27.01
N GLN A 495 -14.73 -0.73 -28.15
CA GLN A 495 -15.27 -0.30 -29.43
C GLN A 495 -16.64 -0.92 -29.71
N LYS A 496 -16.75 -2.21 -29.49
CA LYS A 496 -18.01 -2.89 -29.76
C LYS A 496 -19.08 -2.57 -28.74
N ASN A 497 -18.77 -2.78 -27.46
CA ASN A 497 -19.80 -2.72 -26.42
C ASN A 497 -20.08 -1.33 -25.87
N ALA A 498 -19.20 -0.39 -26.19
CA ALA A 498 -19.39 1.00 -25.74
C ALA A 498 -18.91 2.01 -26.80
N PRO A 499 -19.46 1.92 -28.01
CA PRO A 499 -18.94 2.67 -29.16
C PRO A 499 -18.98 4.19 -28.95
N LYS A 500 -19.99 4.69 -28.25
CA LYS A 500 -20.02 6.12 -27.99
C LYS A 500 -18.92 6.53 -27.00
N THR A 501 -18.71 5.73 -25.96
CA THR A 501 -17.63 6.02 -25.01
C THR A 501 -16.28 5.98 -25.75
N PHE A 502 -16.06 4.90 -26.49
CA PHE A 502 -14.86 4.72 -27.33
C PHE A 502 -14.61 5.95 -28.20
N GLN A 503 -15.64 6.33 -28.95
CA GLN A 503 -15.59 7.51 -29.77
C GLN A 503 -15.30 8.78 -28.97
N PHE A 504 -16.05 8.99 -27.90
CA PHE A 504 -15.89 10.18 -27.05
C PHE A 504 -14.45 10.33 -26.56
N ILE A 505 -13.82 9.23 -26.17
CA ILE A 505 -12.46 9.30 -25.62
C ILE A 505 -11.41 9.62 -26.69
N ASN A 506 -11.51 8.97 -27.85
CA ASN A 506 -10.61 9.29 -28.95
C ASN A 506 -10.71 10.75 -29.38
N ASP A 507 -11.93 11.28 -29.37
CA ASP A 507 -12.15 12.71 -29.59
C ASP A 507 -11.41 13.57 -28.59
N GLN A 508 -11.55 13.20 -27.31
CA GLN A 508 -10.86 13.94 -26.25
C GLN A 508 -9.36 13.89 -26.48
N ILE A 509 -8.85 12.67 -26.76
CA ILE A 509 -7.42 12.49 -27.03
C ILE A 509 -6.93 13.38 -28.19
N LYS A 510 -7.64 13.32 -29.33
CA LYS A 510 -7.33 14.18 -30.47
C LYS A 510 -7.26 15.64 -30.03
N PHE A 511 -8.33 16.08 -29.38
CA PHE A 511 -8.46 17.45 -28.89
C PHE A 511 -7.28 17.89 -28.03
N ILE A 512 -6.77 16.98 -27.20
CA ILE A 512 -5.62 17.31 -26.36
C ILE A 512 -4.36 17.45 -27.21
N ILE A 513 -4.10 16.45 -28.05
CA ILE A 513 -2.89 16.45 -28.87
C ILE A 513 -2.81 17.70 -29.76
N ASN A 514 -3.96 18.19 -30.21
CA ASN A 514 -4.00 19.36 -31.10
C ASN A 514 -3.90 20.71 -30.42
N SER A 515 -4.10 20.74 -29.10
CA SER A 515 -4.14 22.00 -28.35
C SER A 515 -2.82 22.77 -28.37
ZN ZN B . -10.49 5.67 -10.49
C1 56R C . -9.58 3.28 -6.64
C2 56R C . -9.65 4.12 -7.92
C3 56R C . -10.81 0.15 -1.73
O5 56R C . -8.55 5.75 -9.25
N6 56R C . -9.72 1.80 -6.74
C10 56R C . -8.35 0.65 -8.59
C11 56R C . -9.16 -0.20 -9.35
C12 56R C . -8.99 -0.27 -10.73
C13 56R C . -8.01 0.50 -11.35
C14 56R C . -7.22 1.35 -10.59
C15 56R C . -7.38 1.42 -9.22
C19 56R C . -11.38 0.44 -5.46
C20 56R C . -12.02 -0.77 -5.73
C21 56R C . -12.26 -1.68 -4.71
C22 56R C . -11.87 -1.37 -3.41
C24 56R C . -10.99 0.74 -4.16
C23 56R C . -11.23 -0.17 -3.14
C18 56R C . -11.13 1.41 -6.59
C28 56R C . -10.63 3.90 -5.72
N4 56R C . -8.58 4.90 -8.15
O3 56R C . -10.62 4.14 -8.68
S7 56R C . -8.54 0.77 -7.01
O8 56R C . -8.73 -0.53 -6.45
O9 56R C . -7.27 1.23 -6.50
F16 56R C . -7.84 0.43 -12.68
C17 56R C . -9.85 -1.19 -11.57
N5 56R C . -10.00 -0.99 -1.24
#